data_7WPI
#
_entry.id   7WPI
#
_cell.length_a   64.492
_cell.length_b   80.331
_cell.length_c   117.961
_cell.angle_alpha   90.000
_cell.angle_beta   90.000
_cell.angle_gamma   90.000
#
_symmetry.space_group_name_H-M   'P 21 21 21'
#
loop_
_entity.id
_entity.type
_entity.pdbx_description
1 polymer 'Methionine--tRNA ligase'
2 non-polymer 2-(4-bromanyl-3-oxidanyl-phenyl)-1-[(1R)-2-[2-(2-tert-butylphenoxy)ethanoylamino]-1-(3,4-dimethoxyphenyl)ethyl]-N-methyl-benzimidazole-5-carboxamide
3 non-polymer 'ACETATE ION'
4 non-polymer 1,2-ETHANEDIOL
5 water water
#
_entity_poly.entity_id   1
_entity_poly.type   'polypeptide(L)'
_entity_poly.pdbx_seq_one_letter_code
;MGSSHHHHHHSAKETFYITTPIYYPSGNLHIGHAYSTVAGDVIARYKRMQGYDVRYLTGTDEHGQKIQEKAQKAGKTEIE
YLDEMIAGIKQLWAKLEISNDDFIRTTEERHKHVVEQVFERLLKQGDIYLGEYEGWYSVPDETYYTESQLVDPQYENGKI
IGGKSPDSGHEVELVKEESYFFNISKYTDRLLEFYDQNPDFIQPPSRKNEMINNFIKPGLADLAVSRTSFNWGVHVPSNP
KHVVYVWIDALVNYISALGYLSDDESLFNKYWPADIHLMAKEIVRFHSIIWPILLMALDLPLPKKVFAHGWILMKDGKMS
KSKGNVVDPNILIDRYGLDATRYYLMRELPFGSDGVFTPEAFVERTNFDLANDLGNLVNRTISMVNKYFDGELPAYQGPL
HELDEEMEAMALETVKSYTESMESLQFSVALSTVWKFISRTNKYIDETTPWVLAKDDSQKDMLGNVMAHLVENIRYAAVL
LRPFLTHAPKEIFEQLNINNPQFMEFSSLEQYGVLNESIMVTGQPKPIFP
;
_entity_poly.pdbx_strand_id   A
#
loop_
_chem_comp.id
_chem_comp.type
_chem_comp.name
_chem_comp.formula
1V7 non-polymer 2-(4-bromanyl-3-oxidanyl-phenyl)-1-[(1R)-2-[2-(2-tert-butylphenoxy)ethanoylamino]-1-(3,4-dimethoxyphenyl)ethyl]-N-methyl-benzimidazole-5-carboxamide 'C37 H39 Br N4 O6'
ACT non-polymer 'ACETATE ION' 'C2 H3 O2 -1'
EDO non-polymer 1,2-ETHANEDIOL 'C2 H6 O2'
#
# COMPACT_ATOMS: atom_id res chain seq x y z
N SER A 11 -1.88 23.68 16.82
CA SER A 11 -3.08 24.48 16.39
C SER A 11 -3.72 23.85 15.14
N ALA A 12 -2.92 23.18 14.32
CA ALA A 12 -3.39 22.53 13.08
C ALA A 12 -3.24 21.03 13.21
N LYS A 13 -3.97 20.29 12.37
CA LYS A 13 -3.87 18.82 12.30
C LYS A 13 -2.43 18.46 11.96
N GLU A 14 -1.86 17.45 12.63
CA GLU A 14 -0.54 16.92 12.25
C GLU A 14 -0.67 16.29 10.86
N THR A 15 0.31 16.50 9.98
CA THR A 15 0.24 16.00 8.59
C THR A 15 0.73 14.56 8.53
N PHE A 16 0.27 13.81 7.54
CA PHE A 16 0.74 12.44 7.26
C PHE A 16 0.77 12.22 5.75
N TYR A 17 1.98 12.13 5.19
CA TYR A 17 2.21 11.98 3.73
C TYR A 17 2.64 10.55 3.45
N ILE A 18 1.83 9.85 2.65
CA ILE A 18 2.05 8.41 2.31
C ILE A 18 2.12 8.30 0.79
N THR A 19 3.04 7.51 0.29
CA THR A 19 3.21 7.32 -1.18
C THR A 19 3.30 5.83 -1.52
N THR A 20 2.80 5.47 -2.70
CA THR A 20 3.16 4.20 -3.38
C THR A 20 4.21 4.54 -4.42
N PRO A 21 4.94 3.55 -4.96
CA PRO A 21 5.83 3.81 -6.09
C PRO A 21 5.01 4.20 -7.32
N ILE A 22 5.58 4.98 -8.22
CA ILE A 22 4.90 5.26 -9.52
C ILE A 22 4.96 3.99 -10.35
N TYR A 23 3.86 3.62 -10.99
CA TYR A 23 3.72 2.35 -11.73
C TYR A 23 4.24 2.54 -13.16
N TYR A 24 4.94 1.52 -13.66
CA TYR A 24 5.40 1.49 -15.07
C TYR A 24 4.31 0.86 -15.93
N PRO A 25 3.65 1.64 -16.81
CA PRO A 25 2.50 1.16 -17.57
C PRO A 25 2.88 0.24 -18.74
N SER A 26 3.14 -1.03 -18.43
CA SER A 26 3.47 -2.07 -19.43
C SER A 26 2.24 -2.94 -19.69
N GLY A 27 1.07 -2.55 -19.16
CA GLY A 27 -0.25 -3.12 -19.52
C GLY A 27 -0.78 -4.16 -18.55
N ASN A 28 0.06 -5.05 -18.01
CA ASN A 28 -0.43 -6.19 -17.20
C ASN A 28 -0.47 -5.81 -15.71
N LEU A 29 -1.59 -5.29 -15.20
CA LEU A 29 -1.69 -4.95 -13.75
C LEU A 29 -2.35 -6.12 -13.00
N HIS A 30 -1.56 -6.85 -12.21
CA HIS A 30 -2.03 -8.03 -11.43
C HIS A 30 -2.30 -7.60 -9.98
N ILE A 31 -2.68 -8.56 -9.12
CA ILE A 31 -3.03 -8.27 -7.70
C ILE A 31 -1.80 -7.79 -6.93
N GLY A 32 -0.59 -8.19 -7.34
CA GLY A 32 0.67 -7.71 -6.74
C GLY A 32 0.77 -6.19 -6.77
N HIS A 33 0.40 -5.57 -7.89
CA HIS A 33 0.41 -4.09 -8.06
C HIS A 33 -0.74 -3.48 -7.28
N ALA A 34 -1.88 -4.17 -7.24
CA ALA A 34 -3.07 -3.71 -6.50
C ALA A 34 -2.75 -3.69 -5.01
N TYR A 35 -1.91 -4.61 -4.52
CA TYR A 35 -1.62 -4.70 -3.08
C TYR A 35 -1.04 -3.38 -2.56
N SER A 36 -0.05 -2.81 -3.26
CA SER A 36 0.65 -1.58 -2.83
C SER A 36 -0.36 -0.44 -2.62
N THR A 37 -1.24 -0.22 -3.59
CA THR A 37 -2.21 0.91 -3.56
C THR A 37 -3.31 0.65 -2.54
N VAL A 38 -3.78 -0.60 -2.43
CA VAL A 38 -4.80 -0.97 -1.40
C VAL A 38 -4.20 -0.77 -0.01
N ALA A 39 -3.00 -1.29 0.23
CA ALA A 39 -2.30 -1.19 1.53
C ALA A 39 -2.08 0.28 1.86
N GLY A 40 -1.61 1.07 0.91
CA GLY A 40 -1.43 2.52 1.07
C GLY A 40 -2.75 3.19 1.40
N ASP A 41 -3.84 2.73 0.77
CA ASP A 41 -5.20 3.27 1.01
C ASP A 41 -5.62 2.98 2.45
N VAL A 42 -5.34 1.77 2.94
CA VAL A 42 -5.70 1.37 4.33
C VAL A 42 -4.99 2.30 5.30
N ILE A 43 -3.70 2.52 5.12
CA ILE A 43 -2.92 3.42 6.02
C ILE A 43 -3.55 4.81 5.92
N ALA A 44 -3.79 5.30 4.70
CA ALA A 44 -4.36 6.64 4.47
C ALA A 44 -5.69 6.78 5.22
N ARG A 45 -6.63 5.85 4.99
CA ARG A 45 -7.97 5.88 5.65
C ARG A 45 -7.82 5.82 7.16
N TYR A 46 -6.91 4.97 7.66
CA TYR A 46 -6.66 4.79 9.11
C TYR A 46 -6.17 6.10 9.71
N LYS A 47 -5.23 6.76 9.04
CA LYS A 47 -4.61 8.01 9.54
C LYS A 47 -5.65 9.14 9.51
N ARG A 48 -6.52 9.18 8.50
CA ARG A 48 -7.61 10.18 8.43
C ARG A 48 -8.54 10.01 9.64
N MET A 49 -8.89 8.76 9.95
CA MET A 49 -9.80 8.44 11.08
C MET A 49 -9.15 8.81 12.42
N GLN A 50 -7.82 8.78 12.48
CA GLN A 50 -7.02 9.17 13.67
C GLN A 50 -6.90 10.70 13.76
N GLY A 51 -7.34 11.44 12.74
CA GLY A 51 -7.38 12.91 12.77
C GLY A 51 -6.16 13.57 12.15
N TYR A 52 -5.39 12.85 11.34
CA TYR A 52 -4.24 13.44 10.61
C TYR A 52 -4.74 14.15 9.36
N ASP A 53 -4.02 15.20 8.95
CA ASP A 53 -4.16 15.85 7.62
C ASP A 53 -3.35 14.99 6.64
N VAL A 54 -4.01 14.10 5.91
CA VAL A 54 -3.35 13.03 5.10
C VAL A 54 -3.22 13.48 3.65
N ARG A 55 -2.07 13.21 3.03
CA ARG A 55 -1.91 13.26 1.56
C ARG A 55 -1.39 11.91 1.11
N TYR A 56 -2.10 11.26 0.20
CA TYR A 56 -1.76 9.92 -0.31
C TYR A 56 -1.53 10.03 -1.82
N LEU A 57 -0.31 9.73 -2.26
CA LEU A 57 0.11 9.89 -3.67
C LEU A 57 0.39 8.52 -4.32
N THR A 58 -0.02 8.41 -5.58
CA THR A 58 0.41 7.34 -6.51
C THR A 58 0.66 8.00 -7.88
N GLY A 59 1.17 7.26 -8.86
CA GLY A 59 1.40 7.84 -10.19
C GLY A 59 1.96 6.83 -11.16
N THR A 60 2.53 7.33 -12.26
CA THR A 60 3.07 6.48 -13.34
C THR A 60 4.42 7.00 -13.83
N ASP A 61 5.32 6.06 -14.09
CA ASP A 61 6.65 6.29 -14.72
C ASP A 61 6.41 6.17 -16.22
N GLU A 62 6.45 7.28 -16.95
CA GLU A 62 5.98 7.30 -18.36
C GLU A 62 7.15 7.44 -19.33
N HIS A 63 8.39 7.34 -18.88
CA HIS A 63 9.55 7.62 -19.78
C HIS A 63 10.31 6.34 -20.10
N GLY A 64 11.37 6.48 -20.89
CA GLY A 64 12.23 5.33 -21.25
C GLY A 64 12.01 4.89 -22.68
N GLN A 65 13.02 4.22 -23.22
CA GLN A 65 13.07 3.74 -24.63
C GLN A 65 11.88 2.81 -24.89
N LYS A 66 11.60 1.89 -23.96
CA LYS A 66 10.58 0.82 -24.13
C LYS A 66 9.18 1.41 -24.32
N ILE A 67 8.82 2.44 -23.55
CA ILE A 67 7.47 3.08 -23.69
C ILE A 67 7.33 3.61 -25.11
N GLN A 68 8.33 4.33 -25.60
CA GLN A 68 8.23 4.98 -26.94
C GLN A 68 8.26 3.88 -28.01
N GLU A 69 9.00 2.78 -27.79
CA GLU A 69 9.01 1.63 -28.73
C GLU A 69 7.60 1.02 -28.80
N LYS A 70 6.93 0.89 -27.66
CA LYS A 70 5.60 0.25 -27.58
C LYS A 70 4.56 1.16 -28.25
N ALA A 71 4.62 2.47 -28.02
CA ALA A 71 3.69 3.43 -28.64
C ALA A 71 3.86 3.37 -30.16
N GLN A 72 5.09 3.46 -30.64
CA GLN A 72 5.40 3.46 -32.09
C GLN A 72 4.92 2.15 -32.72
N LYS A 73 5.16 1.01 -32.06
CA LYS A 73 4.75 -0.33 -32.56
C LYS A 73 3.23 -0.39 -32.71
N ALA A 74 2.49 0.26 -31.80
CA ALA A 74 1.01 0.28 -31.76
C ALA A 74 0.44 1.33 -32.73
N GLY A 75 1.30 2.08 -33.44
CA GLY A 75 0.86 3.11 -34.41
C GLY A 75 0.26 4.30 -33.70
N LYS A 76 0.72 4.61 -32.50
CA LYS A 76 0.24 5.78 -31.73
C LYS A 76 1.41 6.67 -31.33
N THR A 77 1.12 7.91 -30.99
CA THR A 77 2.10 8.85 -30.39
C THR A 77 2.33 8.42 -28.95
N GLU A 78 3.43 8.86 -28.35
CA GLU A 78 3.78 8.50 -26.96
C GLU A 78 2.64 8.92 -26.03
N ILE A 79 2.11 10.13 -26.22
CA ILE A 79 1.04 10.69 -25.35
C ILE A 79 -0.27 9.92 -25.57
N GLU A 80 -0.62 9.62 -26.82
CA GLU A 80 -1.83 8.81 -27.14
C GLU A 80 -1.78 7.50 -26.35
N TYR A 81 -0.69 6.76 -26.55
CA TYR A 81 -0.44 5.44 -25.90
C TYR A 81 -0.55 5.59 -24.37
N LEU A 82 0.18 6.53 -23.78
CA LEU A 82 0.22 6.72 -22.31
C LEU A 82 -1.14 7.13 -21.77
N ASP A 83 -1.85 8.04 -22.46
CA ASP A 83 -3.18 8.52 -22.02
C ASP A 83 -4.13 7.32 -21.90
N GLU A 84 -4.08 6.38 -22.84
CA GLU A 84 -4.93 5.16 -22.83
C GLU A 84 -4.54 4.27 -21.64
N MET A 85 -3.24 4.04 -21.45
CA MET A 85 -2.73 3.17 -20.36
C MET A 85 -3.09 3.78 -19.01
N ILE A 86 -2.86 5.07 -18.83
CA ILE A 86 -3.11 5.78 -17.54
C ILE A 86 -4.62 5.77 -17.26
N ALA A 87 -5.45 5.93 -18.30
CA ALA A 87 -6.92 5.85 -18.16
C ALA A 87 -7.28 4.51 -17.50
N GLY A 88 -6.74 3.42 -18.02
CA GLY A 88 -6.98 2.06 -17.48
C GLY A 88 -6.55 1.95 -16.03
N ILE A 89 -5.35 2.45 -15.70
CA ILE A 89 -4.79 2.39 -14.32
C ILE A 89 -5.72 3.18 -13.37
N LYS A 90 -6.12 4.40 -13.75
CA LYS A 90 -6.98 5.24 -12.90
C LYS A 90 -8.36 4.61 -12.74
N GLN A 91 -8.84 3.91 -13.77
CA GLN A 91 -10.16 3.22 -13.69
C GLN A 91 -10.08 2.11 -12.64
N LEU A 92 -8.98 1.36 -12.63
CA LEU A 92 -8.78 0.29 -11.62
C LEU A 92 -8.74 0.91 -10.22
N TRP A 93 -7.97 1.99 -10.03
CA TRP A 93 -7.85 2.64 -8.70
C TRP A 93 -9.23 3.13 -8.24
N ALA A 94 -10.03 3.69 -9.14
CA ALA A 94 -11.41 4.15 -8.82
C ALA A 94 -12.25 2.93 -8.43
N LYS A 95 -12.08 1.82 -9.14
CA LYS A 95 -12.84 0.56 -8.91
C LYS A 95 -12.47 -0.02 -7.54
N LEU A 96 -11.21 0.11 -7.13
CA LEU A 96 -10.72 -0.38 -5.82
C LEU A 96 -11.00 0.64 -4.71
N GLU A 97 -11.56 1.80 -5.08
CA GLU A 97 -11.90 2.91 -4.15
C GLU A 97 -10.62 3.33 -3.41
N ILE A 98 -9.56 3.56 -4.17
CA ILE A 98 -8.27 4.11 -3.67
C ILE A 98 -8.49 5.60 -3.39
N SER A 99 -8.17 6.05 -2.17
CA SER A 99 -8.44 7.43 -1.69
C SER A 99 -7.19 8.31 -1.91
N ASN A 100 -6.47 8.11 -3.02
CA ASN A 100 -5.28 8.93 -3.37
C ASN A 100 -5.76 10.36 -3.60
N ASP A 101 -5.03 11.33 -3.06
CA ASP A 101 -5.36 12.78 -3.15
C ASP A 101 -4.78 13.36 -4.45
N ASP A 102 -3.91 12.62 -5.14
CA ASP A 102 -3.29 13.11 -6.41
C ASP A 102 -2.71 11.92 -7.16
N PHE A 103 -2.48 12.12 -8.45
CA PHE A 103 -1.88 11.13 -9.36
C PHE A 103 -0.78 11.83 -10.15
N ILE A 104 0.47 11.48 -9.89
CA ILE A 104 1.65 12.14 -10.55
C ILE A 104 1.99 11.39 -11.82
N ARG A 105 2.03 12.09 -12.95
CA ARG A 105 2.51 11.54 -14.23
C ARG A 105 3.83 12.23 -14.56
N THR A 106 4.87 11.46 -14.92
CA THR A 106 6.22 12.02 -15.17
C THR A 106 6.24 12.82 -16.48
N THR A 107 5.17 12.80 -17.27
CA THR A 107 5.03 13.61 -18.51
C THR A 107 4.55 15.02 -18.17
N GLU A 108 4.12 15.27 -16.93
CA GLU A 108 3.62 16.60 -16.50
C GLU A 108 4.79 17.56 -16.31
N GLU A 109 4.60 18.83 -16.66
CA GLU A 109 5.65 19.87 -16.52
C GLU A 109 6.07 20.02 -15.06
N ARG A 110 5.16 19.88 -14.11
CA ARG A 110 5.50 20.00 -12.67
C ARG A 110 6.56 18.95 -12.30
N HIS A 111 6.53 17.77 -12.92
CA HIS A 111 7.56 16.73 -12.71
C HIS A 111 8.83 17.07 -13.49
N LYS A 112 8.71 17.29 -14.80
CA LYS A 112 9.86 17.54 -15.71
C LYS A 112 10.70 18.70 -15.18
N HIS A 113 10.07 19.78 -14.72
CA HIS A 113 10.78 20.97 -14.16
C HIS A 113 11.69 20.54 -13.01
N VAL A 114 11.19 19.70 -12.11
CA VAL A 114 11.97 19.25 -10.92
C VAL A 114 13.15 18.41 -11.40
N VAL A 115 12.92 17.43 -12.28
CA VAL A 115 13.99 16.54 -12.79
C VAL A 115 15.12 17.40 -13.37
N GLU A 116 14.77 18.38 -14.20
CA GLU A 116 15.75 19.28 -14.87
C GLU A 116 16.54 20.08 -13.81
N GLN A 117 15.82 20.70 -12.87
CA GLN A 117 16.44 21.61 -11.86
C GLN A 117 17.30 20.80 -10.89
N VAL A 118 16.83 19.63 -10.47
CA VAL A 118 17.61 18.73 -9.56
C VAL A 118 18.91 18.35 -10.27
N PHE A 119 18.80 17.85 -11.50
CA PHE A 119 19.97 17.44 -12.30
C PHE A 119 20.96 18.59 -12.43
N GLU A 120 20.48 19.78 -12.84
CA GLU A 120 21.33 20.98 -13.03
C GLU A 120 21.99 21.37 -11.71
N ARG A 121 21.25 21.31 -10.61
CA ARG A 121 21.80 21.68 -9.26
C ARG A 121 22.96 20.75 -8.93
N LEU A 122 22.78 19.44 -9.07
CA LEU A 122 23.83 18.43 -8.76
C LEU A 122 25.05 18.63 -9.66
N LEU A 123 24.83 19.02 -10.91
CA LEU A 123 25.90 19.32 -11.89
C LEU A 123 26.72 20.51 -11.38
N LYS A 124 26.04 21.59 -10.98
CA LYS A 124 26.68 22.85 -10.49
C LYS A 124 27.43 22.57 -9.19
N GLN A 125 26.87 21.72 -8.32
CA GLN A 125 27.50 21.36 -7.02
C GLN A 125 28.71 20.43 -7.25
N GLY A 126 28.75 19.75 -8.39
CA GLY A 126 29.83 18.81 -8.73
C GLY A 126 29.54 17.40 -8.23
N ASP A 127 28.32 17.13 -7.78
CA ASP A 127 27.91 15.76 -7.32
C ASP A 127 27.77 14.86 -8.55
N ILE A 128 27.42 15.43 -9.70
CA ILE A 128 27.27 14.71 -11.00
C ILE A 128 28.41 15.12 -11.91
N TYR A 129 29.02 14.16 -12.59
CA TYR A 129 30.16 14.44 -13.51
C TYR A 129 30.06 13.52 -14.72
N LEU A 130 30.58 13.97 -15.85
CA LEU A 130 30.45 13.25 -17.14
C LEU A 130 31.46 12.10 -17.21
N GLY A 131 31.00 10.94 -17.65
CA GLY A 131 31.84 9.74 -17.82
C GLY A 131 31.31 8.87 -18.92
N GLU A 132 31.64 7.58 -18.85
CA GLU A 132 31.16 6.60 -19.86
C GLU A 132 30.54 5.41 -19.12
N TYR A 133 29.26 5.17 -19.39
CA TYR A 133 28.55 4.01 -18.81
C TYR A 133 28.99 2.76 -19.59
N GLU A 134 29.34 1.71 -18.85
CA GLU A 134 29.63 0.38 -19.43
C GLU A 134 28.72 -0.63 -18.77
N GLY A 135 27.88 -1.30 -19.56
CA GLY A 135 26.91 -2.27 -19.05
C GLY A 135 26.90 -3.54 -19.87
N TRP A 136 26.49 -4.64 -19.24
CA TRP A 136 26.28 -5.95 -19.89
C TRP A 136 24.81 -6.11 -20.19
N TYR A 137 24.47 -6.20 -21.47
CA TYR A 137 23.07 -6.22 -21.95
C TYR A 137 22.76 -7.57 -22.58
N SER A 138 21.59 -8.13 -22.25
CA SER A 138 21.06 -9.34 -22.93
C SER A 138 19.91 -8.91 -23.85
N VAL A 139 20.09 -9.03 -25.16
CA VAL A 139 19.10 -8.57 -26.18
C VAL A 139 17.81 -9.36 -26.01
N PRO A 140 17.85 -10.71 -25.84
CA PRO A 140 16.63 -11.49 -25.66
C PRO A 140 15.78 -11.04 -24.46
N ASP A 141 16.43 -10.75 -23.33
CA ASP A 141 15.76 -10.38 -22.05
C ASP A 141 15.58 -8.87 -21.95
N GLU A 142 16.33 -8.10 -22.75
CA GLU A 142 16.32 -6.63 -22.77
C GLU A 142 16.66 -6.04 -21.38
N THR A 143 17.52 -6.71 -20.61
CA THR A 143 17.92 -6.27 -19.24
C THR A 143 19.44 -6.11 -19.18
N TYR A 144 19.92 -5.07 -18.49
CA TYR A 144 21.38 -4.84 -18.31
C TYR A 144 21.81 -5.49 -17.00
N TYR A 145 23.11 -5.80 -16.91
CA TYR A 145 23.73 -6.42 -15.70
C TYR A 145 25.11 -5.83 -15.49
N THR A 146 25.63 -5.98 -14.27
CA THR A 146 27.02 -5.62 -13.92
C THR A 146 27.91 -6.85 -14.15
N GLU A 147 29.22 -6.64 -14.32
CA GLU A 147 30.22 -7.73 -14.50
C GLU A 147 30.03 -8.77 -13.40
N SER A 148 29.86 -8.29 -12.17
CA SER A 148 29.64 -9.04 -10.90
C SER A 148 28.61 -10.18 -11.05
N GLN A 149 27.51 -10.00 -11.80
CA GLN A 149 26.41 -11.00 -11.81
C GLN A 149 26.37 -11.84 -13.08
N LEU A 150 27.31 -11.69 -14.01
CA LEU A 150 27.35 -12.57 -15.20
C LEU A 150 27.65 -13.99 -14.74
N VAL A 151 27.01 -14.98 -15.37
CA VAL A 151 27.27 -16.42 -15.08
C VAL A 151 28.28 -16.94 -16.12
N ASP A 152 29.19 -17.80 -15.69
CA ASP A 152 30.30 -18.34 -16.53
C ASP A 152 31.00 -17.17 -17.21
N PRO A 153 31.44 -16.15 -16.45
CA PRO A 153 32.14 -15.00 -17.01
C PRO A 153 33.42 -15.45 -17.72
N GLN A 154 33.76 -14.79 -18.81
CA GLN A 154 35.02 -15.07 -19.56
C GLN A 154 35.98 -13.91 -19.27
N TYR A 155 37.26 -14.19 -19.03
CA TYR A 155 38.23 -13.11 -18.73
C TYR A 155 39.29 -13.00 -19.83
N GLU A 156 40.02 -11.88 -19.78
CA GLU A 156 41.23 -11.62 -20.60
C GLU A 156 42.05 -10.55 -19.87
N ASN A 157 43.22 -10.93 -19.37
CA ASN A 157 44.17 -10.06 -18.62
C ASN A 157 43.49 -9.58 -17.34
N GLY A 158 42.67 -10.44 -16.71
CA GLY A 158 42.01 -10.17 -15.42
C GLY A 158 40.72 -9.40 -15.56
N LYS A 159 40.37 -8.96 -16.77
CA LYS A 159 39.12 -8.16 -17.00
C LYS A 159 38.02 -9.07 -17.53
N ILE A 160 36.81 -8.94 -16.99
CA ILE A 160 35.62 -9.71 -17.47
C ILE A 160 35.30 -9.23 -18.89
N ILE A 161 35.28 -10.18 -19.83
CA ILE A 161 35.21 -9.95 -21.30
C ILE A 161 33.83 -10.33 -21.84
N GLY A 162 32.95 -10.82 -20.97
CA GLY A 162 31.61 -11.27 -21.37
C GLY A 162 31.13 -12.39 -20.48
N GLY A 163 29.91 -12.86 -20.70
CA GLY A 163 29.34 -13.96 -19.91
C GLY A 163 27.96 -14.33 -20.38
N LYS A 164 27.20 -14.98 -19.51
CA LYS A 164 25.81 -15.44 -19.80
C LYS A 164 24.86 -14.72 -18.87
N SER A 165 23.70 -14.33 -19.39
CA SER A 165 22.61 -13.70 -18.60
C SER A 165 22.24 -14.61 -17.43
N PRO A 166 22.12 -14.09 -16.19
CA PRO A 166 21.70 -14.90 -15.03
C PRO A 166 20.18 -15.18 -14.94
N ASP A 167 19.53 -15.16 -16.10
CA ASP A 167 18.13 -15.56 -16.38
C ASP A 167 18.18 -16.37 -17.67
N SER A 168 17.80 -15.75 -18.80
CA SER A 168 17.79 -16.36 -20.16
C SER A 168 18.91 -17.40 -20.35
N GLY A 169 20.14 -17.07 -19.99
CA GLY A 169 21.31 -17.95 -20.23
C GLY A 169 21.97 -17.65 -21.57
N HIS A 170 21.44 -16.65 -22.28
CA HIS A 170 21.99 -16.17 -23.57
C HIS A 170 23.23 -15.33 -23.28
N GLU A 171 24.17 -15.29 -24.21
CA GLU A 171 25.42 -14.47 -24.06
C GLU A 171 25.04 -12.99 -24.05
N VAL A 172 25.60 -12.21 -23.12
CA VAL A 172 25.34 -10.75 -22.99
C VAL A 172 26.26 -10.00 -23.96
N GLU A 173 25.92 -8.74 -24.27
CA GLU A 173 26.72 -7.84 -25.13
C GLU A 173 27.22 -6.68 -24.27
N LEU A 174 28.49 -6.29 -24.42
CA LEU A 174 29.06 -5.13 -23.68
C LEU A 174 28.56 -3.86 -24.35
N VAL A 175 27.85 -3.02 -23.60
CA VAL A 175 27.26 -1.75 -24.15
C VAL A 175 27.97 -0.58 -23.48
N LYS A 176 28.33 0.43 -24.27
CA LYS A 176 29.01 1.65 -23.78
C LYS A 176 28.32 2.87 -24.37
N GLU A 177 28.14 3.90 -23.55
CA GLU A 177 27.63 5.20 -24.02
C GLU A 177 28.01 6.27 -23.00
N GLU A 178 28.17 7.50 -23.48
CA GLU A 178 28.46 8.65 -22.60
C GLU A 178 27.31 8.79 -21.61
N SER A 179 27.63 9.03 -20.34
CA SER A 179 26.63 9.10 -19.25
C SER A 179 27.17 9.97 -18.12
N TYR A 180 26.29 10.76 -17.50
CA TYR A 180 26.61 11.52 -16.27
C TYR A 180 26.53 10.55 -15.09
N PHE A 181 27.45 10.68 -14.14
CA PHE A 181 27.48 9.82 -12.93
C PHE A 181 27.28 10.68 -11.69
N PHE A 182 26.53 10.13 -10.76
CA PHE A 182 26.28 10.72 -9.42
C PHE A 182 27.17 9.98 -8.42
N ASN A 183 28.15 10.70 -7.87
CA ASN A 183 29.11 10.12 -6.89
C ASN A 183 28.40 10.06 -5.52
N ILE A 184 27.78 8.92 -5.24
CA ILE A 184 26.98 8.71 -3.99
C ILE A 184 27.87 8.24 -2.85
N SER A 185 29.07 7.71 -3.14
CA SER A 185 29.94 7.06 -2.12
C SER A 185 30.37 8.05 -1.03
N LYS A 186 30.46 9.34 -1.32
CA LYS A 186 30.94 10.31 -0.28
C LYS A 186 29.88 10.51 0.81
N TYR A 187 28.62 10.16 0.56
CA TYR A 187 27.51 10.31 1.56
C TYR A 187 27.37 9.04 2.39
N THR A 188 28.25 8.06 2.19
CA THR A 188 28.13 6.74 2.86
C THR A 188 28.05 6.94 4.37
N ASP A 189 29.04 7.60 4.97
CA ASP A 189 29.11 7.80 6.45
C ASP A 189 27.84 8.49 6.94
N ARG A 190 27.38 9.54 6.24
CA ARG A 190 26.15 10.27 6.61
C ARG A 190 24.95 9.32 6.59
N LEU A 191 24.86 8.44 5.59
CA LEU A 191 23.70 7.52 5.48
C LEU A 191 23.70 6.55 6.68
N LEU A 192 24.86 5.99 7.02
CA LEU A 192 24.99 5.03 8.15
C LEU A 192 24.63 5.72 9.47
N GLU A 193 25.03 6.98 9.62
CA GLU A 193 24.69 7.79 10.82
C GLU A 193 23.18 8.01 10.83
N PHE A 194 22.58 8.25 9.66
CA PHE A 194 21.12 8.43 9.53
C PHE A 194 20.40 7.17 10.02
N TYR A 195 20.88 5.99 9.60
CA TYR A 195 20.29 4.71 10.06
C TYR A 195 20.40 4.62 11.59
N ASP A 196 21.57 4.99 12.13
CA ASP A 196 21.84 4.91 13.59
C ASP A 196 20.83 5.77 14.35
N GLN A 197 20.57 6.99 13.88
CA GLN A 197 19.72 7.96 14.62
C GLN A 197 18.23 7.70 14.31
N ASN A 198 17.94 6.85 13.31
CA ASN A 198 16.55 6.54 12.88
C ASN A 198 16.38 5.03 12.74
N PRO A 199 16.38 4.28 13.86
CA PRO A 199 16.38 2.81 13.82
C PRO A 199 15.16 2.16 13.16
N ASP A 200 14.03 2.88 13.09
CA ASP A 200 12.76 2.36 12.51
C ASP A 200 12.62 2.76 11.05
N PHE A 201 13.61 3.44 10.48
CA PHE A 201 13.57 3.96 9.09
C PHE A 201 13.19 2.84 8.11
N ILE A 202 13.84 1.68 8.20
CA ILE A 202 13.59 0.55 7.24
C ILE A 202 12.63 -0.46 7.89
N GLN A 203 11.50 -0.73 7.25
CA GLN A 203 10.51 -1.76 7.68
C GLN A 203 10.31 -2.75 6.53
N PRO A 204 10.38 -4.09 6.74
CA PRO A 204 10.77 -4.73 8.01
C PRO A 204 12.22 -4.46 8.42
N PRO A 205 12.51 -4.39 9.73
CA PRO A 205 13.84 -4.02 10.24
C PRO A 205 14.98 -4.97 9.83
N SER A 206 14.69 -6.21 9.47
CA SER A 206 15.69 -7.21 9.01
C SER A 206 16.35 -6.77 7.70
N ARG A 207 15.66 -5.99 6.87
CA ARG A 207 16.19 -5.54 5.56
C ARG A 207 17.39 -4.61 5.78
N LYS A 208 17.47 -3.87 6.89
CA LYS A 208 18.55 -2.86 7.10
C LYS A 208 19.92 -3.53 6.95
N ASN A 209 20.23 -4.52 7.80
CA ASN A 209 21.58 -5.16 7.81
C ASN A 209 21.85 -5.85 6.47
N GLU A 210 20.83 -6.35 5.79
CA GLU A 210 20.98 -6.98 4.44
C GLU A 210 21.46 -5.91 3.46
N MET A 211 20.91 -4.69 3.54
CA MET A 211 21.30 -3.54 2.67
C MET A 211 22.78 -3.22 2.94
N ILE A 212 23.09 -3.04 4.22
CA ILE A 212 24.45 -2.64 4.66
C ILE A 212 25.44 -3.68 4.14
N ASN A 213 25.18 -4.96 4.42
CA ASN A 213 26.08 -6.07 4.05
C ASN A 213 26.21 -6.15 2.52
N ASN A 214 25.10 -6.26 1.80
CA ASN A 214 25.11 -6.54 0.34
C ASN A 214 25.50 -5.30 -0.47
N PHE A 215 25.19 -4.08 -0.02
CA PHE A 215 25.34 -2.89 -0.92
C PHE A 215 26.30 -1.83 -0.35
N ILE A 216 26.17 -1.44 0.91
CA ILE A 216 26.96 -0.28 1.45
C ILE A 216 28.36 -0.76 1.85
N LYS A 217 28.47 -1.92 2.51
CA LYS A 217 29.77 -2.44 3.02
C LYS A 217 30.77 -2.56 1.88
N PRO A 218 30.41 -3.18 0.73
CA PRO A 218 31.33 -3.34 -0.40
C PRO A 218 31.69 -2.08 -1.19
N GLY A 219 31.09 -0.93 -0.87
CA GLY A 219 31.37 0.33 -1.56
C GLY A 219 30.25 0.67 -2.53
N LEU A 220 29.71 1.88 -2.45
CA LEU A 220 28.62 2.31 -3.34
C LEU A 220 29.22 2.79 -4.66
N ALA A 221 28.92 2.11 -5.76
CA ALA A 221 29.41 2.50 -7.10
C ALA A 221 28.78 3.84 -7.50
N ASP A 222 29.49 4.64 -8.29
CA ASP A 222 28.91 5.87 -8.90
C ASP A 222 27.70 5.44 -9.72
N LEU A 223 26.61 6.19 -9.62
CA LEU A 223 25.33 5.85 -10.27
C LEU A 223 25.22 6.57 -11.61
N ALA A 224 25.05 5.82 -12.71
CA ALA A 224 24.86 6.40 -14.05
C ALA A 224 23.44 6.95 -14.15
N VAL A 225 23.29 8.28 -14.09
CA VAL A 225 21.95 8.92 -13.96
C VAL A 225 21.50 9.53 -15.29
N SER A 226 22.25 9.36 -16.37
CA SER A 226 21.80 9.82 -17.69
C SER A 226 22.18 8.80 -18.75
N ARG A 227 21.56 8.90 -19.93
CA ARG A 227 21.92 8.09 -21.10
C ARG A 227 21.88 9.00 -22.33
N THR A 228 22.58 8.61 -23.38
CA THR A 228 22.58 9.34 -24.67
C THR A 228 22.02 8.44 -25.77
N SER A 229 21.52 7.25 -25.40
CA SER A 229 21.11 6.20 -26.38
C SER A 229 19.61 6.27 -26.70
N PHE A 230 18.82 7.10 -26.02
CA PHE A 230 17.39 7.24 -26.35
C PHE A 230 16.94 8.69 -26.11
N ASN A 231 15.73 9.00 -26.57
CA ASN A 231 15.22 10.40 -26.56
C ASN A 231 14.00 10.56 -25.65
N TRP A 232 13.16 9.53 -25.47
CA TRP A 232 11.90 9.70 -24.73
C TRP A 232 12.18 9.82 -23.22
N GLY A 233 12.21 11.05 -22.72
CA GLY A 233 12.51 11.33 -21.31
C GLY A 233 12.87 12.78 -21.11
N VAL A 234 13.25 13.15 -19.90
CA VAL A 234 13.66 14.54 -19.56
C VAL A 234 15.10 14.75 -20.04
N HIS A 235 15.35 15.81 -20.81
CA HIS A 235 16.70 16.12 -21.34
C HIS A 235 17.44 17.02 -20.37
N VAL A 236 18.75 16.82 -20.25
CA VAL A 236 19.61 17.65 -19.38
C VAL A 236 19.72 19.03 -20.02
N PRO A 237 19.27 20.12 -19.37
CA PRO A 237 19.28 21.43 -20.01
C PRO A 237 20.66 21.87 -20.54
N SER A 238 21.73 21.61 -19.80
CA SER A 238 23.10 22.08 -20.14
C SER A 238 23.83 21.07 -21.03
N ASN A 239 23.19 19.96 -21.39
CA ASN A 239 23.76 18.94 -22.31
C ASN A 239 22.61 18.15 -22.90
N PRO A 240 21.81 18.78 -23.80
CA PRO A 240 20.57 18.20 -24.30
C PRO A 240 20.64 16.83 -24.99
N LYS A 241 21.80 16.34 -25.42
CA LYS A 241 21.92 14.98 -26.02
C LYS A 241 21.72 13.91 -24.93
N HIS A 242 21.91 14.30 -23.66
CA HIS A 242 21.69 13.42 -22.48
C HIS A 242 20.22 13.44 -22.06
N VAL A 243 19.66 12.26 -21.84
CA VAL A 243 18.31 12.11 -21.23
C VAL A 243 18.53 11.59 -19.82
N VAL A 244 17.74 12.07 -18.88
CA VAL A 244 17.84 11.65 -17.46
C VAL A 244 17.33 10.21 -17.36
N TYR A 245 18.08 9.34 -16.70
CA TYR A 245 17.69 7.91 -16.52
C TYR A 245 16.69 7.82 -15.37
N VAL A 246 16.18 6.61 -15.13
CA VAL A 246 15.03 6.33 -14.21
C VAL A 246 15.32 6.76 -12.77
N TRP A 247 16.58 6.76 -12.32
CA TRP A 247 16.92 6.94 -10.88
C TRP A 247 16.38 8.28 -10.37
N ILE A 248 16.84 9.38 -10.95
CA ILE A 248 16.43 10.74 -10.54
C ILE A 248 15.00 11.00 -11.03
N ASP A 249 14.69 10.66 -12.28
CA ASP A 249 13.36 10.90 -12.88
C ASP A 249 12.28 10.32 -11.97
N ALA A 250 12.34 9.02 -11.64
CA ALA A 250 11.26 8.36 -10.88
C ALA A 250 11.26 8.86 -9.43
N LEU A 251 12.43 8.91 -8.79
CA LEU A 251 12.53 9.18 -7.33
C LEU A 251 11.96 10.55 -6.99
N VAL A 252 12.16 11.58 -7.83
CA VAL A 252 11.71 12.96 -7.46
C VAL A 252 10.20 13.11 -7.65
N ASN A 253 9.50 12.08 -8.11
CA ASN A 253 8.01 12.11 -8.22
C ASN A 253 7.43 12.50 -6.85
N TYR A 254 8.05 12.04 -5.77
CA TYR A 254 7.53 12.22 -4.38
C TYR A 254 7.55 13.70 -3.97
N ILE A 255 8.44 14.51 -4.55
CA ILE A 255 8.51 15.96 -4.18
C ILE A 255 7.95 16.82 -5.31
N SER A 256 8.04 16.36 -6.57
CA SER A 256 7.48 17.08 -7.74
C SER A 256 5.95 17.16 -7.62
N ALA A 257 5.32 16.10 -7.10
CA ALA A 257 3.86 16.05 -6.87
C ALA A 257 3.42 17.17 -5.94
N LEU A 258 4.27 17.56 -4.98
CA LEU A 258 3.97 18.62 -3.98
C LEU A 258 4.32 20.02 -4.52
N GLY A 259 4.67 20.16 -5.80
CA GLY A 259 4.97 21.49 -6.37
C GLY A 259 6.33 22.00 -5.93
N TYR A 260 7.23 21.11 -5.51
CA TYR A 260 8.64 21.49 -5.23
C TYR A 260 9.18 22.26 -6.45
N LEU A 261 9.79 23.43 -6.21
CA LEU A 261 10.44 24.32 -7.20
C LEU A 261 9.44 24.91 -8.20
N SER A 262 8.13 24.89 -7.90
CA SER A 262 7.09 25.48 -8.78
C SER A 262 6.80 26.92 -8.32
N ASP A 263 5.79 27.53 -8.93
CA ASP A 263 5.35 28.91 -8.58
C ASP A 263 4.52 28.88 -7.29
N ASP A 264 4.27 27.69 -6.73
CA ASP A 264 3.52 27.52 -5.46
C ASP A 264 3.99 26.23 -4.77
N GLU A 265 4.84 26.38 -3.75
CA GLU A 265 5.45 25.23 -3.03
C GLU A 265 4.68 24.93 -1.76
N SER A 266 3.45 25.43 -1.60
CA SER A 266 2.69 25.31 -0.32
C SER A 266 2.48 23.85 0.06
N LEU A 267 2.17 22.95 -0.88
CA LEU A 267 1.97 21.50 -0.55
C LEU A 267 3.29 20.92 -0.04
N PHE A 268 4.39 21.27 -0.68
CA PHE A 268 5.73 20.76 -0.33
C PHE A 268 6.07 21.22 1.09
N ASN A 269 5.81 22.50 1.39
CA ASN A 269 6.07 23.07 2.74
C ASN A 269 5.21 22.36 3.77
N LYS A 270 3.98 21.97 3.41
CA LYS A 270 3.02 21.33 4.36
C LYS A 270 3.39 19.86 4.59
N TYR A 271 3.66 19.08 3.54
CA TYR A 271 3.69 17.59 3.63
C TYR A 271 5.10 16.99 3.62
N TRP A 272 6.11 17.64 3.04
CA TRP A 272 7.47 17.05 3.01
C TRP A 272 8.14 17.25 4.38
N PRO A 273 8.80 16.23 4.99
CA PRO A 273 9.03 14.92 4.41
C PRO A 273 7.94 13.85 4.54
N ALA A 274 7.98 12.89 3.62
CA ALA A 274 7.07 11.72 3.59
C ALA A 274 7.17 10.99 4.92
N ASP A 275 6.02 10.64 5.50
CA ASP A 275 5.94 9.80 6.72
C ASP A 275 6.21 8.35 6.34
N ILE A 276 5.74 7.89 5.19
CA ILE A 276 6.04 6.50 4.75
C ILE A 276 6.03 6.40 3.23
N HIS A 277 7.09 5.82 2.68
CA HIS A 277 7.13 5.34 1.28
C HIS A 277 6.84 3.84 1.32
N LEU A 278 5.76 3.42 0.70
CA LEU A 278 5.34 2.00 0.62
C LEU A 278 5.83 1.45 -0.72
N MET A 279 6.35 0.22 -0.75
CA MET A 279 6.83 -0.35 -2.03
C MET A 279 7.02 -1.86 -1.88
N ALA A 280 7.13 -2.55 -3.01
CA ALA A 280 7.47 -3.99 -3.07
C ALA A 280 8.95 -4.14 -2.72
N LYS A 281 9.33 -5.27 -2.14
CA LYS A 281 10.68 -5.47 -1.55
C LYS A 281 11.80 -5.34 -2.59
N GLU A 282 11.55 -5.55 -3.89
CA GLU A 282 12.65 -5.55 -4.89
C GLU A 282 13.12 -4.10 -5.20
N ILE A 283 12.48 -3.06 -4.69
CA ILE A 283 12.97 -1.67 -4.97
C ILE A 283 13.27 -0.94 -3.66
N VAL A 284 13.35 -1.65 -2.54
CA VAL A 284 13.56 -0.99 -1.22
C VAL A 284 14.99 -0.48 -1.15
N ARG A 285 15.93 -1.14 -1.82
CA ARG A 285 17.36 -0.72 -1.79
C ARG A 285 17.48 0.68 -2.41
N PHE A 286 16.68 0.99 -3.44
CA PHE A 286 16.72 2.31 -4.11
C PHE A 286 16.13 3.39 -3.19
N HIS A 287 15.10 3.07 -2.42
CA HIS A 287 14.46 4.04 -1.49
C HIS A 287 15.25 4.16 -0.19
N SER A 288 16.09 3.16 0.13
CA SER A 288 16.86 3.08 1.40
C SER A 288 18.23 3.75 1.27
N ILE A 289 18.76 3.82 0.06
CA ILE A 289 20.16 4.26 -0.18
C ILE A 289 20.18 5.44 -1.15
N ILE A 290 19.78 5.22 -2.40
CA ILE A 290 19.86 6.29 -3.43
C ILE A 290 19.02 7.49 -2.98
N TRP A 291 17.75 7.27 -2.61
CA TRP A 291 16.78 8.35 -2.29
C TRP A 291 17.31 9.23 -1.16
N PRO A 292 17.69 8.68 0.02
CA PRO A 292 18.24 9.49 1.10
C PRO A 292 19.49 10.27 0.68
N ILE A 293 20.37 9.67 -0.11
CA ILE A 293 21.63 10.32 -0.57
C ILE A 293 21.27 11.47 -1.52
N LEU A 294 20.32 11.26 -2.42
CA LEU A 294 19.88 12.33 -3.36
C LEU A 294 19.32 13.51 -2.55
N LEU A 295 18.51 13.24 -1.52
CA LEU A 295 17.91 14.30 -0.66
C LEU A 295 19.00 15.03 0.12
N MET A 296 20.01 14.32 0.61
CA MET A 296 21.19 14.95 1.27
C MET A 296 21.87 15.91 0.30
N ALA A 297 22.05 15.50 -0.96
CA ALA A 297 22.70 16.31 -2.01
C ALA A 297 21.91 17.60 -2.27
N LEU A 298 20.59 17.55 -2.12
CA LEU A 298 19.67 18.70 -2.32
C LEU A 298 19.41 19.43 -1.01
N ASP A 299 19.99 18.96 0.09
CA ASP A 299 19.83 19.54 1.45
C ASP A 299 18.34 19.56 1.79
N LEU A 300 17.64 18.45 1.54
CA LEU A 300 16.21 18.32 1.92
C LEU A 300 16.10 17.31 3.06
N PRO A 301 15.06 17.43 3.90
CA PRO A 301 14.81 16.46 4.97
C PRO A 301 14.52 15.08 4.36
N LEU A 302 14.95 14.02 5.05
CA LEU A 302 14.76 12.64 4.55
C LEU A 302 13.37 12.14 4.94
N PRO A 303 12.87 11.09 4.26
CA PRO A 303 11.61 10.46 4.62
C PRO A 303 11.74 9.78 5.98
N LYS A 304 10.65 9.66 6.72
CA LYS A 304 10.69 9.09 8.09
C LYS A 304 10.76 7.56 8.04
N LYS A 305 10.20 6.94 7.00
CA LYS A 305 10.11 5.46 6.99
C LYS A 305 9.92 4.93 5.58
N VAL A 306 10.57 3.80 5.28
CA VAL A 306 10.33 3.06 4.02
C VAL A 306 9.84 1.67 4.39
N PHE A 307 8.71 1.27 3.80
CA PHE A 307 8.06 -0.03 4.09
C PHE A 307 8.04 -0.88 2.82
N ALA A 308 8.72 -2.02 2.87
CA ALA A 308 8.76 -3.01 1.76
C ALA A 308 7.84 -4.17 2.12
N HIS A 309 6.83 -4.43 1.29
CA HIS A 309 5.94 -5.60 1.46
C HIS A 309 6.41 -6.74 0.54
N GLY A 310 5.97 -7.96 0.82
CA GLY A 310 6.33 -9.15 0.02
C GLY A 310 5.50 -9.28 -1.24
N TRP A 311 5.63 -10.41 -1.93
CA TRP A 311 4.88 -10.68 -3.18
C TRP A 311 3.70 -11.60 -2.92
N ILE A 312 2.68 -11.49 -3.77
CA ILE A 312 1.54 -12.45 -3.82
C ILE A 312 1.85 -13.44 -4.93
N LEU A 313 2.27 -14.65 -4.55
CA LEU A 313 2.75 -15.68 -5.49
C LEU A 313 1.58 -16.56 -5.93
N MET A 314 1.86 -17.47 -6.85
CA MET A 314 0.98 -18.59 -7.27
C MET A 314 1.74 -19.88 -6.98
N LYS A 315 1.28 -21.04 -7.45
CA LYS A 315 2.12 -22.27 -7.34
C LYS A 315 2.65 -22.61 -8.73
N ASP A 316 3.34 -21.59 -9.25
CA ASP A 316 4.04 -21.51 -10.55
C ASP A 316 5.25 -20.58 -10.31
N GLY A 317 5.14 -19.72 -9.29
CA GLY A 317 6.15 -18.73 -8.86
C GLY A 317 5.56 -17.33 -8.89
N LYS A 318 6.37 -16.33 -9.27
CA LYS A 318 5.91 -14.94 -9.47
C LYS A 318 4.89 -14.95 -10.61
N MET A 319 3.78 -14.23 -10.48
CA MET A 319 2.82 -14.18 -11.61
C MET A 319 3.37 -13.23 -12.68
N SER A 320 3.28 -13.64 -13.95
CA SER A 320 3.77 -12.86 -15.11
C SER A 320 2.94 -13.22 -16.34
N LYS A 321 2.86 -12.30 -17.31
CA LYS A 321 2.09 -12.51 -18.57
C LYS A 321 2.72 -13.68 -19.35
N SER A 322 4.04 -13.81 -19.26
CA SER A 322 4.86 -14.85 -19.94
C SER A 322 4.52 -16.27 -19.45
N LYS A 323 4.04 -16.45 -18.22
CA LYS A 323 3.67 -17.82 -17.75
C LYS A 323 2.15 -18.01 -17.83
N GLY A 324 1.40 -16.96 -18.16
CA GLY A 324 -0.08 -17.00 -18.10
C GLY A 324 -0.54 -17.25 -16.68
N ASN A 325 0.12 -16.60 -15.74
CA ASN A 325 0.02 -16.81 -14.27
C ASN A 325 -0.80 -15.70 -13.63
N VAL A 326 -1.10 -14.66 -14.40
CA VAL A 326 -1.59 -13.34 -13.90
C VAL A 326 -3.00 -13.48 -13.36
N VAL A 327 -3.22 -12.97 -12.15
CA VAL A 327 -4.58 -12.83 -11.54
C VAL A 327 -5.01 -11.38 -11.71
N ASP A 328 -6.14 -11.17 -12.38
CA ASP A 328 -6.64 -9.81 -12.71
C ASP A 328 -7.56 -9.32 -11.60
N PRO A 329 -7.23 -8.19 -10.91
CA PRO A 329 -8.09 -7.65 -9.87
C PRO A 329 -9.48 -7.23 -10.39
N ASN A 330 -9.58 -6.78 -11.64
CA ASN A 330 -10.87 -6.47 -12.29
C ASN A 330 -11.79 -7.69 -12.19
N ILE A 331 -11.27 -8.87 -12.53
CA ILE A 331 -12.05 -10.16 -12.53
C ILE A 331 -12.50 -10.43 -11.10
N LEU A 332 -11.59 -10.35 -10.13
CA LEU A 332 -11.92 -10.61 -8.72
C LEU A 332 -13.03 -9.67 -8.26
N ILE A 333 -12.92 -8.38 -8.57
CA ILE A 333 -13.93 -7.37 -8.14
C ILE A 333 -15.28 -7.69 -8.81
N ASP A 334 -15.28 -7.92 -10.11
CA ASP A 334 -16.54 -8.17 -10.88
C ASP A 334 -17.20 -9.45 -10.37
N ARG A 335 -16.41 -10.47 -10.04
CA ARG A 335 -16.95 -11.82 -9.68
C ARG A 335 -17.37 -11.84 -8.20
N TYR A 336 -16.54 -11.33 -7.29
CA TYR A 336 -16.77 -11.51 -5.84
C TYR A 336 -17.04 -10.21 -5.10
N GLY A 337 -16.80 -9.05 -5.71
CA GLY A 337 -17.06 -7.77 -5.04
C GLY A 337 -15.79 -7.15 -4.50
N LEU A 338 -15.86 -5.85 -4.22
CA LEU A 338 -14.70 -5.04 -3.79
C LEU A 338 -14.24 -5.46 -2.39
N ASP A 339 -15.17 -5.50 -1.43
CA ASP A 339 -14.86 -5.83 -0.01
C ASP A 339 -14.06 -7.14 0.04
N ALA A 340 -14.52 -8.18 -0.63
CA ALA A 340 -13.86 -9.50 -0.67
C ALA A 340 -12.43 -9.34 -1.20
N THR A 341 -12.25 -8.57 -2.26
CA THR A 341 -10.93 -8.39 -2.93
C THR A 341 -9.97 -7.66 -1.99
N ARG A 342 -10.37 -6.52 -1.43
CA ARG A 342 -9.50 -5.72 -0.52
C ARG A 342 -9.17 -6.56 0.71
N TYR A 343 -10.17 -7.24 1.27
CA TYR A 343 -10.00 -8.07 2.48
C TYR A 343 -8.97 -9.17 2.21
N TYR A 344 -9.12 -9.88 1.09
CA TYR A 344 -8.20 -10.99 0.76
C TYR A 344 -6.77 -10.47 0.68
N LEU A 345 -6.57 -9.37 -0.05
CA LEU A 345 -5.22 -8.77 -0.24
C LEU A 345 -4.61 -8.44 1.13
N MET A 346 -5.34 -7.76 1.99
CA MET A 346 -4.80 -7.25 3.27
C MET A 346 -4.66 -8.39 4.28
N ARG A 347 -5.48 -9.44 4.20
CA ARG A 347 -5.46 -10.53 5.21
C ARG A 347 -4.36 -11.55 4.90
N GLU A 348 -4.04 -11.79 3.63
CA GLU A 348 -3.20 -12.95 3.24
C GLU A 348 -1.73 -12.57 3.03
N LEU A 349 -1.35 -11.29 3.14
CA LEU A 349 0.06 -10.89 2.96
C LEU A 349 0.62 -10.43 4.30
N PRO A 350 1.28 -11.32 5.07
CA PRO A 350 1.82 -10.95 6.36
C PRO A 350 3.10 -10.11 6.23
N PHE A 351 3.33 -9.30 7.25
CA PHE A 351 4.51 -8.42 7.41
C PHE A 351 5.79 -9.25 7.34
N GLY A 352 6.72 -8.87 6.46
CA GLY A 352 8.05 -9.51 6.36
C GLY A 352 7.99 -10.87 5.66
N SER A 353 6.90 -11.20 4.98
CA SER A 353 6.78 -12.50 4.26
C SER A 353 6.10 -12.29 2.92
N ASP A 354 6.06 -13.36 2.13
CA ASP A 354 5.29 -13.42 0.86
C ASP A 354 3.94 -14.05 1.15
N GLY A 355 2.99 -13.89 0.24
CA GLY A 355 1.65 -14.49 0.32
C GLY A 355 1.43 -15.38 -0.87
N VAL A 356 0.38 -16.20 -0.83
CA VAL A 356 0.13 -17.18 -1.92
C VAL A 356 -1.35 -17.13 -2.26
N PHE A 357 -1.65 -16.83 -3.52
CA PHE A 357 -3.02 -16.75 -4.03
C PHE A 357 -3.42 -18.09 -4.63
N THR A 358 -4.56 -18.62 -4.20
CA THR A 358 -5.25 -19.74 -4.88
C THR A 358 -6.73 -19.38 -4.91
N PRO A 359 -7.50 -19.77 -5.94
CA PRO A 359 -8.93 -19.44 -5.98
C PRO A 359 -9.67 -20.07 -4.80
N GLU A 360 -9.26 -21.27 -4.37
CA GLU A 360 -9.89 -21.97 -3.22
C GLU A 360 -9.66 -21.16 -1.94
N ALA A 361 -8.46 -20.64 -1.71
CA ALA A 361 -8.15 -19.82 -0.52
C ALA A 361 -8.96 -18.52 -0.55
N PHE A 362 -9.10 -17.92 -1.73
CA PHE A 362 -9.87 -16.66 -1.92
C PHE A 362 -11.33 -16.89 -1.52
N VAL A 363 -11.92 -17.98 -2.00
CA VAL A 363 -13.36 -18.32 -1.74
C VAL A 363 -13.54 -18.58 -0.24
N GLU A 364 -12.62 -19.32 0.38
CA GLU A 364 -12.72 -19.62 1.83
C GLU A 364 -12.71 -18.31 2.64
N ARG A 365 -11.76 -17.41 2.37
CA ARG A 365 -11.68 -16.12 3.08
C ARG A 365 -13.00 -15.37 2.91
N THR A 366 -13.36 -15.10 1.67
CA THR A 366 -14.61 -14.39 1.29
C THR A 366 -15.81 -15.00 2.01
N ASN A 367 -15.99 -16.31 1.88
CA ASN A 367 -17.22 -17.00 2.34
C ASN A 367 -17.19 -17.19 3.88
N PHE A 368 -16.09 -17.68 4.43
CA PHE A 368 -16.04 -18.03 5.88
C PHE A 368 -15.95 -16.76 6.73
N ASP A 369 -14.99 -15.88 6.43
CA ASP A 369 -14.73 -14.68 7.26
C ASP A 369 -15.83 -13.64 7.03
N LEU A 370 -16.04 -13.22 5.78
CA LEU A 370 -16.96 -12.10 5.49
C LEU A 370 -18.42 -12.57 5.57
N ALA A 371 -18.85 -13.38 4.60
CA ALA A 371 -20.27 -13.78 4.43
C ALA A 371 -20.76 -14.50 5.70
N ASN A 372 -20.01 -15.47 6.20
CA ASN A 372 -20.46 -16.33 7.33
C ASN A 372 -20.25 -15.60 8.66
N ASP A 373 -19.01 -15.41 9.09
CA ASP A 373 -18.70 -14.86 10.45
C ASP A 373 -19.35 -13.49 10.63
N LEU A 374 -19.04 -12.52 9.77
CA LEU A 374 -19.50 -11.13 9.96
C LEU A 374 -20.91 -10.96 9.41
N GLY A 375 -21.17 -11.41 8.19
CA GLY A 375 -22.49 -11.28 7.54
C GLY A 375 -23.59 -11.91 8.35
N ASN A 376 -23.39 -13.12 8.85
CA ASN A 376 -24.47 -13.83 9.61
C ASN A 376 -24.57 -13.29 11.03
N LEU A 377 -23.49 -12.77 11.62
CA LEU A 377 -23.60 -12.14 12.96
C LEU A 377 -24.60 -10.98 12.85
N VAL A 378 -24.45 -10.12 11.85
CA VAL A 378 -25.35 -8.94 11.67
C VAL A 378 -26.77 -9.44 11.43
N ASN A 379 -26.94 -10.38 10.50
CA ASN A 379 -28.30 -10.85 10.11
C ASN A 379 -28.97 -11.55 11.30
N ARG A 380 -28.26 -12.40 12.04
CA ARG A 380 -28.83 -13.09 13.23
C ARG A 380 -29.31 -12.05 14.25
N THR A 381 -28.48 -11.04 14.52
CA THR A 381 -28.74 -10.00 15.54
C THR A 381 -30.01 -9.21 15.16
N ILE A 382 -30.01 -8.65 13.96
CA ILE A 382 -31.13 -7.81 13.45
C ILE A 382 -32.42 -8.64 13.48
N SER A 383 -32.36 -9.90 13.03
CA SER A 383 -33.52 -10.82 13.01
C SER A 383 -34.07 -10.98 14.43
N MET A 384 -33.20 -11.17 15.42
CA MET A 384 -33.63 -11.38 16.83
C MET A 384 -34.25 -10.09 17.39
N VAL A 385 -33.78 -8.92 16.96
CA VAL A 385 -34.30 -7.62 17.48
C VAL A 385 -35.69 -7.37 16.89
N ASN A 386 -35.87 -7.70 15.61
CA ASN A 386 -37.17 -7.57 14.89
C ASN A 386 -38.18 -8.53 15.50
N LYS A 387 -37.73 -9.73 15.88
CA LYS A 387 -38.64 -10.81 16.34
C LYS A 387 -39.04 -10.61 17.80
N TYR A 388 -38.12 -10.20 18.67
CA TYR A 388 -38.36 -10.13 20.14
C TYR A 388 -38.77 -8.74 20.60
N PHE A 389 -38.41 -7.67 19.88
CA PHE A 389 -38.72 -6.29 20.34
C PHE A 389 -39.35 -5.45 19.24
N ASP A 390 -39.88 -6.09 18.19
CA ASP A 390 -40.50 -5.39 17.04
C ASP A 390 -39.53 -4.34 16.46
N GLY A 391 -38.24 -4.67 16.36
CA GLY A 391 -37.24 -3.80 15.70
C GLY A 391 -36.68 -2.73 16.62
N GLU A 392 -37.18 -2.58 17.84
CA GLU A 392 -36.71 -1.52 18.77
C GLU A 392 -35.64 -2.08 19.70
N LEU A 393 -34.38 -1.71 19.45
CA LEU A 393 -33.22 -2.21 20.24
C LEU A 393 -33.21 -1.51 21.59
N PRO A 394 -33.43 -2.23 22.70
CA PRO A 394 -33.29 -1.64 24.03
C PRO A 394 -31.96 -0.92 24.23
N ALA A 395 -32.01 0.21 24.94
CA ALA A 395 -30.82 1.04 25.23
C ALA A 395 -29.86 0.23 26.09
N TYR A 396 -28.55 0.43 25.87
CA TYR A 396 -27.49 -0.17 26.70
C TYR A 396 -27.63 0.38 28.11
N GLN A 397 -27.46 -0.50 29.11
CA GLN A 397 -27.60 -0.12 30.53
C GLN A 397 -26.28 -0.42 31.26
N GLY A 398 -25.76 -1.64 31.12
CA GLY A 398 -24.47 -2.02 31.72
C GLY A 398 -24.16 -3.49 31.48
N PRO A 399 -23.08 -4.05 32.07
CA PRO A 399 -22.77 -5.46 31.90
C PRO A 399 -23.65 -6.33 32.81
N LEU A 400 -24.92 -6.51 32.43
CA LEU A 400 -25.92 -7.22 33.27
C LEU A 400 -25.61 -8.72 33.33
N HIS A 401 -25.27 -9.34 32.20
CA HIS A 401 -25.01 -10.79 32.10
C HIS A 401 -23.65 -11.10 32.75
N GLU A 402 -23.49 -12.32 33.27
CA GLU A 402 -22.21 -12.74 33.91
C GLU A 402 -21.07 -12.69 32.88
N LEU A 403 -21.37 -12.84 31.58
CA LEU A 403 -20.34 -12.87 30.51
C LEU A 403 -19.91 -11.46 30.11
N ASP A 404 -20.71 -10.45 30.43
CA ASP A 404 -20.53 -9.07 29.89
C ASP A 404 -19.21 -8.45 30.35
N GLU A 405 -18.87 -8.53 31.64
CA GLU A 405 -17.66 -7.88 32.21
C GLU A 405 -16.44 -8.24 31.35
N GLU A 406 -16.22 -9.54 31.11
CA GLU A 406 -15.05 -10.02 30.34
C GLU A 406 -15.20 -9.66 28.86
N MET A 407 -16.42 -9.67 28.32
CA MET A 407 -16.63 -9.40 26.87
C MET A 407 -16.38 -7.92 26.60
N GLU A 408 -16.88 -7.04 27.47
CA GLU A 408 -16.66 -5.58 27.35
C GLU A 408 -15.16 -5.29 27.41
N ALA A 409 -14.43 -5.96 28.31
CA ALA A 409 -12.96 -5.83 28.43
C ALA A 409 -12.31 -6.33 27.14
N MET A 410 -12.81 -7.41 26.56
CA MET A 410 -12.26 -7.97 25.30
C MET A 410 -12.45 -6.95 24.17
N ALA A 411 -13.58 -6.24 24.14
CA ALA A 411 -13.84 -5.23 23.09
C ALA A 411 -12.76 -4.15 23.16
N LEU A 412 -12.43 -3.68 24.36
CA LEU A 412 -11.38 -2.63 24.54
C LEU A 412 -10.00 -3.22 24.27
N GLU A 413 -9.76 -4.46 24.65
CA GLU A 413 -8.45 -5.12 24.39
C GLU A 413 -8.28 -5.32 22.88
N THR A 414 -9.38 -5.58 22.15
CA THR A 414 -9.39 -5.74 20.67
C THR A 414 -8.94 -4.43 20.02
N VAL A 415 -9.50 -3.29 20.46
CA VAL A 415 -9.14 -1.96 19.90
C VAL A 415 -7.67 -1.70 20.16
N LYS A 416 -7.23 -1.94 21.40
CA LYS A 416 -5.83 -1.69 21.82
C LYS A 416 -4.87 -2.53 20.96
N SER A 417 -5.16 -3.83 20.82
CA SER A 417 -4.30 -4.76 20.03
C SER A 417 -4.30 -4.34 18.55
N TYR A 418 -5.49 -4.05 18.00
CA TYR A 418 -5.68 -3.55 16.61
C TYR A 418 -4.75 -2.35 16.39
N THR A 419 -4.79 -1.39 17.31
CA THR A 419 -4.00 -0.12 17.23
C THR A 419 -2.51 -0.44 17.14
N GLU A 420 -1.96 -1.28 18.01
CA GLU A 420 -0.50 -1.56 17.98
C GLU A 420 -0.15 -2.37 16.73
N SER A 421 -1.06 -3.22 16.22
CA SER A 421 -0.85 -3.95 14.94
C SER A 421 -0.79 -2.96 13.76
N MET A 422 -1.75 -2.02 13.68
CA MET A 422 -1.85 -1.04 12.58
C MET A 422 -0.63 -0.12 12.57
N GLU A 423 -0.20 0.36 13.76
CA GLU A 423 0.94 1.31 13.88
C GLU A 423 2.24 0.59 13.52
N SER A 424 2.29 -0.74 13.66
CA SER A 424 3.48 -1.56 13.36
C SER A 424 3.35 -2.19 11.96
N LEU A 425 2.34 -1.76 11.19
CA LEU A 425 2.09 -2.18 9.78
C LEU A 425 1.81 -3.68 9.68
N GLN A 426 1.24 -4.29 10.72
CA GLN A 426 0.89 -5.73 10.71
C GLN A 426 -0.61 -5.87 10.41
N PHE A 427 -1.01 -5.54 9.18
CA PHE A 427 -2.42 -5.46 8.75
C PHE A 427 -3.11 -6.81 8.91
N SER A 428 -2.47 -7.91 8.54
CA SER A 428 -3.09 -9.26 8.63
C SER A 428 -3.40 -9.60 10.10
N VAL A 429 -2.55 -9.17 11.04
CA VAL A 429 -2.74 -9.46 12.49
C VAL A 429 -3.87 -8.57 13.02
N ALA A 430 -3.95 -7.31 12.56
CA ALA A 430 -5.05 -6.41 12.93
C ALA A 430 -6.38 -7.06 12.55
N LEU A 431 -6.46 -7.60 11.33
CA LEU A 431 -7.70 -8.24 10.82
C LEU A 431 -8.00 -9.52 11.60
N SER A 432 -6.99 -10.34 11.90
CA SER A 432 -7.23 -11.61 12.64
C SER A 432 -7.72 -11.27 14.06
N THR A 433 -7.17 -10.23 14.68
CA THR A 433 -7.59 -9.75 16.01
C THR A 433 -9.06 -9.34 15.96
N VAL A 434 -9.47 -8.59 14.94
CA VAL A 434 -10.89 -8.17 14.79
C VAL A 434 -11.76 -9.41 14.63
N TRP A 435 -11.32 -10.41 13.85
CA TRP A 435 -12.14 -11.62 13.60
C TRP A 435 -12.26 -12.48 14.86
N LYS A 436 -11.28 -12.44 15.77
CA LYS A 436 -11.38 -13.15 17.07
C LYS A 436 -12.57 -12.58 17.85
N PHE A 437 -12.74 -11.27 17.79
CA PHE A 437 -13.86 -10.54 18.45
C PHE A 437 -15.18 -10.87 17.77
N ILE A 438 -15.21 -10.95 16.45
CA ILE A 438 -16.44 -11.29 15.68
C ILE A 438 -16.85 -12.72 16.04
N SER A 439 -15.89 -13.64 16.06
CA SER A 439 -16.14 -15.07 16.41
C SER A 439 -16.73 -15.14 17.82
N ARG A 440 -16.15 -14.40 18.77
CA ARG A 440 -16.60 -14.38 20.19
C ARG A 440 -18.03 -13.84 20.27
N THR A 441 -18.38 -12.86 19.42
CA THR A 441 -19.74 -12.27 19.42
C THR A 441 -20.76 -13.32 18.96
N ASN A 442 -20.43 -14.08 17.92
CA ASN A 442 -21.27 -15.23 17.47
C ASN A 442 -21.40 -16.24 18.61
N LYS A 443 -20.30 -16.49 19.33
CA LYS A 443 -20.28 -17.43 20.48
C LYS A 443 -21.20 -16.91 21.59
N TYR A 444 -21.22 -15.60 21.80
CA TYR A 444 -22.06 -14.92 22.83
C TYR A 444 -23.53 -15.28 22.59
N ILE A 445 -23.96 -15.32 21.34
CA ILE A 445 -25.35 -15.73 20.96
C ILE A 445 -25.58 -17.15 21.45
N ASP A 446 -24.68 -18.08 21.11
CA ASP A 446 -24.82 -19.51 21.49
C ASP A 446 -24.82 -19.64 23.01
N GLU A 447 -23.99 -18.88 23.70
CA GLU A 447 -23.82 -18.94 25.17
C GLU A 447 -25.06 -18.40 25.89
N THR A 448 -25.68 -17.35 25.36
CA THR A 448 -26.79 -16.62 26.04
C THR A 448 -28.14 -17.20 25.66
N THR A 449 -28.23 -17.93 24.54
CA THR A 449 -29.48 -18.51 23.97
C THR A 449 -30.63 -17.52 24.13
N PRO A 450 -30.62 -16.39 23.36
CA PRO A 450 -31.67 -15.38 23.43
C PRO A 450 -33.09 -15.93 23.35
N TRP A 451 -33.33 -16.93 22.48
CA TRP A 451 -34.64 -17.59 22.30
C TRP A 451 -35.16 -18.20 23.61
N VAL A 452 -34.26 -18.72 24.46
CA VAL A 452 -34.66 -19.26 25.80
C VAL A 452 -35.15 -18.11 26.68
N LEU A 453 -34.42 -16.98 26.68
CA LEU A 453 -34.74 -15.80 27.51
C LEU A 453 -36.08 -15.19 27.09
N ALA A 454 -36.41 -15.28 25.79
CA ALA A 454 -37.63 -14.68 25.22
C ALA A 454 -38.88 -15.45 25.69
N LYS A 455 -38.74 -16.67 26.21
CA LYS A 455 -39.87 -17.43 26.81
C LYS A 455 -40.37 -16.69 28.05
N ASP A 456 -39.50 -16.63 29.07
CA ASP A 456 -39.79 -16.07 30.42
C ASP A 456 -40.00 -14.56 30.32
N ASP A 457 -41.06 -14.05 30.96
CA ASP A 457 -41.36 -12.60 31.01
C ASP A 457 -40.48 -11.92 32.07
N SER A 458 -39.92 -12.70 33.01
CA SER A 458 -39.00 -12.17 34.04
C SER A 458 -37.68 -11.70 33.39
N GLN A 459 -37.26 -12.32 32.29
CA GLN A 459 -35.90 -12.13 31.71
C GLN A 459 -35.92 -11.15 30.53
N LYS A 460 -36.88 -10.24 30.45
CA LYS A 460 -36.99 -9.31 29.29
C LYS A 460 -35.87 -8.27 29.34
N ASP A 461 -35.46 -7.82 30.53
CA ASP A 461 -34.35 -6.86 30.67
C ASP A 461 -33.04 -7.56 30.30
N MET A 462 -32.90 -8.83 30.70
CA MET A 462 -31.70 -9.63 30.37
C MET A 462 -31.65 -9.86 28.86
N LEU A 463 -32.80 -10.09 28.23
CA LEU A 463 -32.86 -10.25 26.76
C LEU A 463 -32.37 -8.95 26.10
N GLY A 464 -32.91 -7.81 26.51
CA GLY A 464 -32.53 -6.49 25.99
C GLY A 464 -31.04 -6.23 26.14
N ASN A 465 -30.47 -6.61 27.28
CA ASN A 465 -29.03 -6.47 27.58
C ASN A 465 -28.21 -7.25 26.54
N VAL A 466 -28.60 -8.49 26.25
CA VAL A 466 -27.88 -9.38 25.29
C VAL A 466 -27.87 -8.72 23.90
N MET A 467 -29.03 -8.27 23.43
CA MET A 467 -29.18 -7.62 22.11
C MET A 467 -28.30 -6.36 22.05
N ALA A 468 -28.28 -5.58 23.13
CA ALA A 468 -27.48 -4.34 23.24
C ALA A 468 -25.99 -4.68 23.08
N HIS A 469 -25.53 -5.75 23.71
CA HIS A 469 -24.11 -6.19 23.67
C HIS A 469 -23.76 -6.74 22.28
N LEU A 470 -24.70 -7.41 21.63
CA LEU A 470 -24.54 -7.90 20.22
C LEU A 470 -24.31 -6.70 19.31
N VAL A 471 -25.17 -5.69 19.41
CA VAL A 471 -25.10 -4.51 18.50
C VAL A 471 -23.85 -3.68 18.83
N GLU A 472 -23.48 -3.56 20.11
CA GLU A 472 -22.29 -2.75 20.49
C GLU A 472 -21.03 -3.48 20.00
N ASN A 473 -20.98 -4.81 20.09
CA ASN A 473 -19.86 -5.60 19.54
C ASN A 473 -19.78 -5.36 18.04
N ILE A 474 -20.92 -5.42 17.35
CA ILE A 474 -20.99 -5.23 15.87
C ILE A 474 -20.44 -3.83 15.54
N ARG A 475 -20.86 -2.81 16.28
CA ARG A 475 -20.46 -1.40 16.03
C ARG A 475 -18.94 -1.27 16.14
N TYR A 476 -18.34 -1.86 17.17
CA TYR A 476 -16.87 -1.89 17.37
C TYR A 476 -16.22 -2.47 16.11
N ALA A 477 -16.66 -3.66 15.70
CA ALA A 477 -16.13 -4.36 14.50
C ALA A 477 -16.26 -3.45 13.27
N ALA A 478 -17.45 -2.91 13.02
CA ALA A 478 -17.73 -2.03 11.87
C ALA A 478 -16.73 -0.87 11.83
N VAL A 479 -16.53 -0.19 12.97
CA VAL A 479 -15.63 1.00 13.03
C VAL A 479 -14.19 0.56 12.68
N LEU A 480 -13.70 -0.52 13.28
CA LEU A 480 -12.31 -1.00 13.09
C LEU A 480 -12.07 -1.44 11.64
N LEU A 481 -13.11 -1.83 10.90
CA LEU A 481 -12.96 -2.33 9.52
C LEU A 481 -13.11 -1.19 8.50
N ARG A 482 -13.39 0.04 8.95
CA ARG A 482 -13.61 1.18 8.03
C ARG A 482 -12.40 1.39 7.11
N PRO A 483 -11.14 1.32 7.57
CA PRO A 483 -9.99 1.48 6.68
C PRO A 483 -9.83 0.38 5.63
N PHE A 484 -10.34 -0.82 5.92
CA PHE A 484 -10.14 -2.04 5.09
C PHE A 484 -11.28 -2.20 4.09
N LEU A 485 -12.52 -2.17 4.58
CA LEU A 485 -13.74 -2.40 3.75
C LEU A 485 -14.47 -1.07 3.55
N THR A 486 -14.77 -0.72 2.30
CA THR A 486 -15.40 0.59 1.99
C THR A 486 -16.92 0.46 1.92
N HIS A 487 -17.49 -0.75 1.85
CA HIS A 487 -18.96 -0.91 1.68
C HIS A 487 -19.60 -1.48 2.95
N ALA A 488 -19.08 -2.61 3.44
CA ALA A 488 -19.67 -3.38 4.56
C ALA A 488 -19.99 -2.46 5.75
N PRO A 489 -19.04 -1.67 6.29
CA PRO A 489 -19.31 -0.89 7.51
C PRO A 489 -20.47 0.08 7.30
N LYS A 490 -20.49 0.77 6.16
CA LYS A 490 -21.58 1.72 5.84
C LYS A 490 -22.92 0.97 5.88
N GLU A 491 -22.98 -0.20 5.24
CA GLU A 491 -24.20 -1.04 5.14
C GLU A 491 -24.63 -1.50 6.55
N ILE A 492 -23.67 -1.86 7.41
CA ILE A 492 -23.96 -2.32 8.81
C ILE A 492 -24.59 -1.15 9.60
N PHE A 493 -23.97 0.03 9.57
CA PHE A 493 -24.46 1.25 10.26
C PHE A 493 -25.87 1.58 9.75
N GLU A 494 -26.09 1.43 8.44
CA GLU A 494 -27.38 1.70 7.75
C GLU A 494 -28.47 0.76 8.28
N GLN A 495 -28.21 -0.55 8.27
CA GLN A 495 -29.19 -1.60 8.69
C GLN A 495 -29.48 -1.46 10.20
N LEU A 496 -28.45 -1.16 11.00
CA LEU A 496 -28.57 -0.93 12.47
C LEU A 496 -29.25 0.43 12.73
N ASN A 497 -29.30 1.30 11.73
CA ASN A 497 -29.91 2.66 11.82
C ASN A 497 -29.12 3.49 12.84
N ILE A 498 -27.79 3.29 12.90
CA ILE A 498 -26.82 4.16 13.61
C ILE A 498 -26.43 5.28 12.65
N ASN A 499 -27.00 6.46 12.82
CA ASN A 499 -27.01 7.55 11.80
C ASN A 499 -25.94 8.59 12.12
N ASN A 500 -25.77 8.83 13.42
CA ASN A 500 -24.82 9.77 14.06
C ASN A 500 -23.38 9.48 13.61
N PRO A 501 -22.75 10.39 12.83
CA PRO A 501 -21.36 10.23 12.38
C PRO A 501 -20.34 9.92 13.48
N GLN A 502 -20.53 10.53 14.65
CA GLN A 502 -19.64 10.38 15.83
C GLN A 502 -19.53 8.91 16.25
N PHE A 503 -20.60 8.13 16.09
CA PHE A 503 -20.67 6.70 16.52
C PHE A 503 -19.97 5.79 15.50
N MET A 504 -19.39 6.35 14.44
CA MET A 504 -18.63 5.58 13.42
C MET A 504 -17.13 5.89 13.53
N GLU A 505 -16.69 6.63 14.54
CA GLU A 505 -15.29 7.11 14.66
C GLU A 505 -14.56 6.38 15.79
N PHE A 506 -13.23 6.42 15.78
CA PHE A 506 -12.37 5.72 16.77
C PHE A 506 -12.62 6.25 18.18
N SER A 507 -12.94 7.54 18.34
CA SER A 507 -13.17 8.17 19.67
C SER A 507 -14.38 7.54 20.38
N SER A 508 -15.35 7.02 19.62
CA SER A 508 -16.58 6.40 20.18
C SER A 508 -16.33 4.98 20.70
N LEU A 509 -15.09 4.45 20.58
CA LEU A 509 -14.72 3.10 21.09
C LEU A 509 -14.01 3.21 22.45
N GLU A 510 -13.81 4.43 22.96
CA GLU A 510 -13.05 4.64 24.21
C GLU A 510 -13.81 4.02 25.39
N GLN A 511 -15.15 4.14 25.40
CA GLN A 511 -16.00 3.58 26.49
C GLN A 511 -17.13 2.76 25.88
N TYR A 512 -17.20 1.48 26.25
CA TYR A 512 -18.19 0.51 25.72
C TYR A 512 -19.61 0.92 26.11
N GLY A 513 -20.52 0.90 25.13
CA GLY A 513 -21.98 1.07 25.30
C GLY A 513 -22.43 2.49 25.08
N VAL A 514 -22.27 3.02 23.87
CA VAL A 514 -22.59 4.44 23.56
C VAL A 514 -24.07 4.58 23.17
N LEU A 515 -24.78 3.47 22.95
CA LEU A 515 -26.21 3.55 22.53
C LEU A 515 -27.10 3.50 23.78
N ASN A 516 -27.23 4.61 24.51
CA ASN A 516 -28.05 4.62 25.75
C ASN A 516 -29.43 5.20 25.47
N GLU A 517 -29.84 5.18 24.20
CA GLU A 517 -31.21 5.52 23.74
C GLU A 517 -31.67 4.39 22.83
N SER A 518 -32.96 4.06 22.85
CA SER A 518 -33.53 2.98 22.00
C SER A 518 -33.41 3.37 20.54
N ILE A 519 -33.22 2.38 19.66
CA ILE A 519 -33.00 2.61 18.21
C ILE A 519 -33.87 1.63 17.45
N MET A 520 -34.49 2.07 16.35
CA MET A 520 -35.27 1.14 15.50
C MET A 520 -34.40 0.68 14.34
N VAL A 521 -34.10 -0.62 14.30
CA VAL A 521 -33.28 -1.24 13.24
C VAL A 521 -34.17 -1.48 12.01
N THR A 522 -33.55 -1.79 10.87
CA THR A 522 -34.27 -2.06 9.59
C THR A 522 -35.25 -3.22 9.80
N GLY A 523 -36.43 -3.13 9.21
CA GLY A 523 -37.45 -4.21 9.24
C GLY A 523 -37.21 -5.20 8.12
N GLN A 524 -36.25 -4.92 7.24
CA GLN A 524 -35.95 -5.75 6.04
C GLN A 524 -34.45 -5.92 5.91
N PRO A 525 -33.81 -6.71 6.79
CA PRO A 525 -32.36 -6.89 6.72
C PRO A 525 -31.98 -7.64 5.44
N LYS A 526 -30.85 -7.31 4.86
CA LYS A 526 -30.36 -7.99 3.64
C LYS A 526 -28.90 -8.38 3.86
N PRO A 527 -28.36 -9.30 3.02
CA PRO A 527 -26.96 -9.70 3.13
C PRO A 527 -26.04 -8.47 3.05
N ILE A 528 -25.08 -8.39 3.98
CA ILE A 528 -24.04 -7.33 3.97
C ILE A 528 -23.12 -7.58 2.78
N PHE A 529 -22.86 -8.86 2.49
CA PHE A 529 -22.01 -9.30 1.36
C PHE A 529 -22.83 -10.18 0.42
N PRO A 530 -22.70 -10.02 -0.91
CA PRO A 530 -21.47 -9.54 -1.54
C PRO A 530 -21.39 -8.02 -1.70
C1 1V7 B . 11.69 -5.12 -21.39
N1 1V7 B . 12.15 0.92 -18.90
O1 1V7 B . 11.49 6.35 -16.81
C2 1V7 B . 11.13 -2.65 -18.60
O2 1V7 B . 10.40 2.56 -10.07
O3 1V7 B . 9.76 0.51 -11.97
C16 1V7 B . 9.86 1.69 -12.29
C17 1V7 B . 9.61 2.76 -11.25
C18 1V7 B . 10.40 3.54 -9.12
C27 1V7 B . 9.23 4.15 -8.69
C26 1V7 B . 9.29 5.16 -7.75
C25 1V7 B . 10.50 5.56 -7.25
C24 1V7 B . 11.67 4.94 -7.66
C19 1V7 B . 11.65 3.92 -8.60
C20 1V7 B . 12.96 3.20 -9.00
C23 1V7 B . 13.18 3.30 -10.52
C22 1V7 B . 14.20 3.81 -8.32
C21 1V7 B . 12.88 1.72 -8.61
N3 1V7 B . 10.20 2.10 -13.51
C15 1V7 B . 10.43 1.19 -14.61
C14 1V7 B . 11.80 1.39 -15.29
C28 1V7 B . 12.99 0.82 -14.54
C35 1V7 B . 14.23 0.92 -15.13
C34 1V7 B . 15.34 0.33 -14.57
C32 1V7 B . 15.22 -0.35 -13.37
O5 1V7 B . 16.24 -1.02 -12.76
C33 1V7 B . 17.48 -1.12 -13.45
C30 1V7 B . 13.96 -0.44 -12.74
O4 1V7 B . 13.93 -1.11 -11.55
C31 1V7 B . 12.66 -1.50 -11.04
C29 1V7 B . 12.86 0.16 -13.33
N2 1V7 B . 11.81 0.93 -16.69
C5 1V7 B . 11.52 -0.36 -17.13
C4 1V7 B . 11.12 -1.51 -16.46
C3 1V7 B . 10.92 -2.65 -17.22
C7 1V7 B . 12.20 1.64 -17.80
C8 1V7 B . 12.65 3.03 -17.78
C13 1V7 B . 13.86 3.36 -18.39
C12 1V7 B . 14.27 4.67 -18.48
C11 1V7 B . 13.47 5.66 -17.94
BR 1V7 B . 14.07 7.45 -17.99
C10 1V7 B . 12.26 5.36 -17.33
C9 1V7 B . 11.85 4.03 -17.26
C6 1V7 B . 11.73 -0.34 -18.50
C36 1V7 B . 11.53 -1.48 -19.26
C 1V7 B . 10.95 -3.88 -19.43
O 1V7 B . 9.97 -4.60 -19.27
N 1V7 B . 11.89 -4.13 -20.34
C ACT C . 8.09 13.95 -22.04
O ACT C . 7.57 13.65 -20.96
OXT ACT C . 7.66 14.85 -22.79
CH3 ACT C . 9.35 13.20 -22.50
C1 EDO D . 15.80 -0.05 -20.31
O1 EDO D . 16.46 1.14 -19.92
C2 EDO D . 16.10 -1.18 -19.40
O2 EDO D . 15.22 -1.29 -18.30
C1 EDO E . 7.96 -0.34 -8.89
O1 EDO E . 9.05 -0.70 -9.72
C2 EDO E . 6.97 0.51 -9.58
O2 EDO E . 5.66 0.38 -9.06
#